data_4E9C
#
_entry.id   4E9C
#
_cell.length_a   35.634
_cell.length_b   89.784
_cell.length_c   37.108
_cell.angle_alpha   90.00
_cell.angle_beta   109.28
_cell.angle_gamma   90.00
#
_symmetry.space_group_name_H-M   'P 1 21 1'
#
loop_
_entity.id
_entity.type
_entity.pdbx_description
1 polymer 'Serine/threonine-protein kinase PLK1'
2 polymer 'LDPPLHSpTA phosphopeptide'
3 non-polymer 2-(2-METHOXYETHOXY)ETHANOL
4 non-polymer GLYCEROL
5 water water
#
loop_
_entity_poly.entity_id
_entity_poly.type
_entity_poly.pdbx_seq_one_letter_code
_entity_poly.pdbx_strand_id
1 'polypeptide(L)'
;GPLGSPEFDCHLSDMLQQLHSVNASKPSERGLVRQEEAEDPACIPIFWVSKWVDYSDKYGLGYQLCDNSVGVLFNDSTRL
ILYNDGDSLQYIERDGTESYLTVSSHPNSLMKKITLLKYFRNYMSEHLLKAGANITPREGDELARLPYLRTWFRTRSAII
LHLSNGSVQINFFQDHTKLILCPLMAAVTYIDEKRDFRTYRLSLLEEYGCCKELASRLRYARTMVDKLLSSR
;
A
2 'polypeptide(L)' (ACE)LDPPLHS(TPO)A(NH2) B
#
# COMPACT_ATOMS: atom_id res chain seq x y z
N CYS A 10 2.45 1.90 15.22
CA CYS A 10 2.50 1.19 13.90
C CYS A 10 3.54 1.82 12.95
N HIS A 11 4.59 2.41 13.55
CA HIS A 11 5.71 3.05 12.84
C HIS A 11 5.36 4.38 12.14
N LEU A 12 4.11 4.82 12.29
CA LEU A 12 3.63 6.05 11.66
C LEU A 12 4.43 7.28 12.09
N SER A 13 4.74 7.34 13.38
CA SER A 13 5.52 8.45 13.93
CA SER A 13 5.53 8.44 13.95
C SER A 13 6.89 8.58 13.24
N ASP A 14 7.54 7.44 13.01
CA ASP A 14 8.84 7.42 12.33
C ASP A 14 8.69 7.90 10.88
N MET A 15 7.63 7.45 10.20
CA MET A 15 7.33 7.87 8.83
CA MET A 15 7.40 7.89 8.83
C MET A 15 7.18 9.39 8.75
N LEU A 16 6.39 9.94 9.67
CA LEU A 16 6.18 11.38 9.70
C LEU A 16 7.49 12.13 9.86
N GLN A 17 8.35 11.66 10.77
CA GLN A 17 9.64 12.32 11.02
C GLN A 17 10.57 12.24 9.81
N GLN A 18 10.55 11.09 9.14
CA GLN A 18 11.33 10.90 7.92
C GLN A 18 10.89 11.87 6.83
N LEU A 19 9.57 11.99 6.62
CA LEU A 19 9.03 12.92 5.64
C LEU A 19 9.27 14.39 6.01
N HIS A 20 9.09 14.74 7.27
CA HIS A 20 9.38 16.09 7.72
C HIS A 20 10.82 16.47 7.39
N SER A 21 11.75 15.55 7.66
CA SER A 21 13.18 15.80 7.43
C SER A 21 13.52 15.99 5.95
N VAL A 22 13.02 15.10 5.10
CA VAL A 22 13.30 15.22 3.67
C VAL A 22 12.68 16.50 3.08
N ASN A 23 11.43 16.78 3.43
CA ASN A 23 10.74 17.97 2.93
C ASN A 23 11.34 19.29 3.40
N ALA A 24 11.80 19.33 4.65
CA ALA A 24 12.46 20.52 5.19
C ALA A 24 13.76 20.85 4.46
N SER A 25 14.37 19.84 3.83
CA SER A 25 15.63 20.01 3.11
C SER A 25 15.46 20.64 1.71
N LYS A 26 14.21 20.85 1.29
CA LYS A 26 13.88 21.37 -0.05
C LYS A 26 14.65 20.67 -1.18
N PRO A 27 14.43 19.35 -1.38
CA PRO A 27 15.27 18.58 -2.30
C PRO A 27 15.22 18.99 -3.79
N SER A 28 14.15 19.65 -4.22
CA SER A 28 14.04 20.06 -5.62
C SER A 28 14.68 21.43 -5.92
N GLU A 29 15.12 22.14 -4.88
CA GLU A 29 15.73 23.46 -5.05
C GLU A 29 17.25 23.38 -5.24
N ARG A 30 17.78 22.16 -5.25
CA ARG A 30 19.20 21.93 -5.52
C ARG A 30 19.47 22.15 -7.00
N GLY A 31 20.60 22.77 -7.31
CA GLY A 31 20.96 23.03 -8.71
C GLY A 31 21.31 21.75 -9.43
N LEU A 32 22.36 21.09 -8.96
CA LEU A 32 22.89 19.90 -9.62
C LEU A 32 22.34 18.63 -8.98
N VAL A 33 21.07 18.35 -9.27
CA VAL A 33 20.37 17.20 -8.71
C VAL A 33 20.96 15.89 -9.21
N ARG A 34 21.19 14.97 -8.28
CA ARG A 34 21.73 13.65 -8.57
C ARG A 34 20.82 12.58 -7.98
N GLN A 35 19.59 12.54 -8.47
CA GLN A 35 18.54 11.65 -7.94
C GLN A 35 18.93 10.18 -7.96
N GLU A 36 19.65 9.76 -9.01
CA GLU A 36 20.06 8.37 -9.18
C GLU A 36 20.95 7.87 -8.03
N GLU A 37 21.69 8.77 -7.41
CA GLU A 37 22.56 8.42 -6.28
C GLU A 37 21.79 8.05 -5.01
N ALA A 38 20.49 8.35 -5.00
CA ALA A 38 19.62 8.01 -3.88
C ALA A 38 18.96 6.64 -4.03
N GLU A 39 19.11 6.03 -5.21
CA GLU A 39 18.52 4.72 -5.49
C GLU A 39 19.15 3.61 -4.67
N ASP A 40 18.29 2.73 -4.14
CA ASP A 40 18.74 1.57 -3.39
C ASP A 40 17.77 0.43 -3.70
N PRO A 41 18.13 -0.42 -4.70
CA PRO A 41 17.29 -1.54 -5.14
C PRO A 41 17.12 -2.61 -4.07
N ALA A 42 17.94 -2.56 -3.04
CA ALA A 42 17.86 -3.46 -1.89
C ALA A 42 16.68 -3.11 -0.98
N CYS A 43 16.15 -1.90 -1.15
CA CYS A 43 15.06 -1.39 -0.32
C CYS A 43 13.68 -1.55 -0.97
N ILE A 44 13.62 -2.18 -2.14
CA ILE A 44 12.35 -2.42 -2.81
C ILE A 44 11.37 -3.09 -1.83
N PRO A 45 10.08 -2.70 -1.85
CA PRO A 45 9.16 -3.27 -0.86
C PRO A 45 8.86 -4.75 -1.06
N ILE A 46 8.48 -5.40 0.04
CA ILE A 46 8.05 -6.79 0.01
C ILE A 46 6.61 -6.87 -0.54
N PHE A 47 5.79 -5.92 -0.13
CA PHE A 47 4.39 -5.84 -0.54
C PHE A 47 4.00 -4.42 -0.95
N TRP A 48 3.12 -4.35 -1.96
CA TRP A 48 2.34 -3.15 -2.25
C TRP A 48 0.96 -3.57 -2.76
N VAL A 49 0.04 -2.61 -2.77
CA VAL A 49 -1.33 -2.84 -3.25
C VAL A 49 -1.34 -2.69 -4.76
N SER A 50 -1.70 -3.76 -5.47
CA SER A 50 -1.67 -3.75 -6.93
C SER A 50 -3.04 -3.44 -7.57
N LYS A 51 -4.10 -3.66 -6.79
CA LYS A 51 -5.50 -3.40 -7.21
C LYS A 51 -6.35 -3.11 -5.97
N TRP A 52 -7.43 -2.35 -6.15
CA TRP A 52 -8.40 -2.13 -5.06
C TRP A 52 -9.77 -1.79 -5.59
N VAL A 53 -10.80 -2.09 -4.79
CA VAL A 53 -12.17 -1.74 -5.13
C VAL A 53 -12.93 -1.36 -3.86
N ASP A 54 -13.51 -0.15 -3.88
CA ASP A 54 -14.26 0.38 -2.74
C ASP A 54 -15.76 0.10 -2.84
N TYR A 55 -16.17 -0.98 -2.20
CA TYR A 55 -17.59 -1.31 -2.12
C TYR A 55 -18.07 -1.15 -0.67
N SER A 56 -17.55 -0.12 0.00
CA SER A 56 -17.81 0.10 1.42
C SER A 56 -19.23 0.58 1.74
N ASP A 57 -20.00 0.89 0.71
CA ASP A 57 -21.40 1.24 0.90
C ASP A 57 -22.28 0.01 1.20
N LYS A 58 -21.73 -1.19 0.99
CA LYS A 58 -22.43 -2.45 1.27
C LYS A 58 -21.59 -3.54 1.95
N TYR A 59 -20.35 -3.73 1.52
CA TYR A 59 -19.52 -4.84 2.01
C TYR A 59 -18.19 -4.42 2.64
N GLY A 60 -17.41 -3.63 1.90
CA GLY A 60 -16.11 -3.19 2.38
C GLY A 60 -15.15 -2.90 1.24
N LEU A 61 -13.86 -2.85 1.57
CA LEU A 61 -12.81 -2.51 0.63
C LEU A 61 -12.01 -3.77 0.28
N GLY A 62 -12.02 -4.14 -1.00
CA GLY A 62 -11.27 -5.30 -1.48
C GLY A 62 -9.99 -4.87 -2.16
N TYR A 63 -8.96 -5.70 -2.09
CA TYR A 63 -7.67 -5.34 -2.68
C TYR A 63 -6.83 -6.57 -3.04
N GLN A 64 -5.87 -6.35 -3.92
CA GLN A 64 -4.88 -7.37 -4.27
C GLN A 64 -3.52 -6.84 -3.87
N LEU A 65 -2.67 -7.72 -3.32
CA LEU A 65 -1.27 -7.39 -3.10
C LEU A 65 -0.43 -7.90 -4.27
N CYS A 66 0.78 -7.38 -4.40
CA CYS A 66 1.62 -7.68 -5.58
C CYS A 66 2.01 -9.16 -5.71
N ASP A 67 1.91 -9.91 -4.62
CA ASP A 67 2.17 -11.36 -4.65
C ASP A 67 0.94 -12.17 -5.09
N ASN A 68 -0.13 -11.47 -5.47
CA ASN A 68 -1.41 -12.08 -5.91
C ASN A 68 -2.30 -12.60 -4.79
N SER A 69 -1.93 -12.29 -3.55
CA SER A 69 -2.85 -12.52 -2.44
C SER A 69 -3.95 -11.48 -2.55
N VAL A 70 -5.12 -11.79 -2.00
CA VAL A 70 -6.23 -10.84 -1.99
C VAL A 70 -6.72 -10.62 -0.57
N GLY A 71 -7.32 -9.47 -0.31
CA GLY A 71 -7.84 -9.19 1.02
C GLY A 71 -9.09 -8.35 0.97
N VAL A 72 -9.82 -8.33 2.08
CA VAL A 72 -10.98 -7.46 2.21
C VAL A 72 -10.96 -6.87 3.62
N LEU A 73 -11.16 -5.56 3.72
CA LEU A 73 -11.45 -4.93 4.99
C LEU A 73 -12.95 -4.70 5.01
N PHE A 74 -13.67 -5.57 5.74
CA PHE A 74 -15.13 -5.52 5.80
C PHE A 74 -15.62 -4.34 6.65
N ASN A 75 -16.88 -3.95 6.41
CA ASN A 75 -17.52 -2.86 7.14
C ASN A 75 -17.66 -3.09 8.64
N ASP A 76 -17.66 -4.37 9.05
CA ASP A 76 -17.71 -4.72 10.47
C ASP A 76 -16.32 -4.67 11.14
N SER A 77 -15.33 -4.17 10.39
CA SER A 77 -13.94 -4.04 10.83
C SER A 77 -13.20 -5.37 11.02
N THR A 78 -13.67 -6.42 10.36
CA THR A 78 -12.90 -7.66 10.27
C THR A 78 -12.13 -7.68 8.95
N ARG A 79 -11.08 -8.49 8.89
CA ARG A 79 -10.22 -8.55 7.71
C ARG A 79 -9.96 -10.00 7.32
N LEU A 80 -10.14 -10.29 6.05
CA LEU A 80 -9.89 -11.64 5.53
C LEU A 80 -8.85 -11.56 4.42
N ILE A 81 -7.85 -12.44 4.51
CA ILE A 81 -6.80 -12.51 3.51
C ILE A 81 -6.78 -13.91 2.91
N LEU A 82 -6.73 -13.99 1.58
CA LEU A 82 -6.56 -15.27 0.89
C LEU A 82 -5.21 -15.26 0.19
N TYR A 83 -4.38 -16.26 0.51
CA TYR A 83 -3.02 -16.35 -0.04
C TYR A 83 -3.04 -16.62 -1.55
N ASN A 84 -1.89 -16.42 -2.19
CA ASN A 84 -1.77 -16.67 -3.62
C ASN A 84 -1.93 -18.14 -4.01
N ASP A 85 -1.92 -19.03 -3.02
CA ASP A 85 -2.20 -20.44 -3.26
C ASP A 85 -3.71 -20.72 -3.38
N GLY A 86 -4.52 -19.70 -3.13
CA GLY A 86 -5.98 -19.79 -3.26
C GLY A 86 -6.66 -20.70 -2.26
N ASP A 87 -6.00 -20.94 -1.13
CA ASP A 87 -6.53 -21.85 -0.11
C ASP A 87 -6.25 -21.35 1.32
N SER A 88 -5.01 -20.96 1.58
CA SER A 88 -4.60 -20.49 2.91
C SER A 88 -5.23 -19.15 3.22
N LEU A 89 -5.68 -18.99 4.46
CA LEU A 89 -6.37 -17.79 4.92
C LEU A 89 -5.72 -17.20 6.17
N GLN A 90 -5.80 -15.87 6.31
CA GLN A 90 -5.64 -15.17 7.59
C GLN A 90 -6.94 -14.41 7.86
N TYR A 91 -7.48 -14.58 9.06
CA TYR A 91 -8.69 -13.86 9.46
C TYR A 91 -8.41 -13.05 10.72
N ILE A 92 -8.64 -11.74 10.63
CA ILE A 92 -8.34 -10.82 11.71
C ILE A 92 -9.64 -10.21 12.21
N GLU A 93 -9.94 -10.45 13.49
CA GLU A 93 -11.18 -9.98 14.09
C GLU A 93 -11.07 -8.52 14.55
N ARG A 94 -12.18 -7.97 15.03
CA ARG A 94 -12.27 -6.56 15.42
C ARG A 94 -11.18 -6.11 16.40
N ASP A 95 -10.88 -6.96 17.38
CA ASP A 95 -9.89 -6.66 18.42
C ASP A 95 -8.43 -6.86 17.98
N GLY A 96 -8.24 -7.44 16.80
CA GLY A 96 -6.89 -7.72 16.29
C GLY A 96 -6.51 -9.18 16.39
N THR A 97 -7.39 -9.99 16.98
CA THR A 97 -7.26 -11.45 17.04
C THR A 97 -7.08 -12.01 15.63
N GLU A 98 -6.17 -12.99 15.49
CA GLU A 98 -5.83 -13.52 14.17
C GLU A 98 -5.79 -15.06 14.13
N SER A 99 -6.40 -15.63 13.11
CA SER A 99 -6.42 -17.07 12.88
C SER A 99 -5.82 -17.43 11.53
N TYR A 100 -5.21 -18.61 11.45
CA TYR A 100 -4.63 -19.12 10.20
C TYR A 100 -5.38 -20.39 9.83
N LEU A 101 -6.12 -20.32 8.72
CA LEU A 101 -7.04 -21.39 8.33
C LEU A 101 -6.87 -21.70 6.84
N THR A 102 -7.61 -22.68 6.35
CA THR A 102 -7.69 -22.96 4.92
C THR A 102 -9.14 -23.10 4.48
N VAL A 103 -9.42 -22.69 3.25
CA VAL A 103 -10.74 -22.86 2.64
C VAL A 103 -11.10 -24.36 2.56
N SER A 104 -10.10 -25.18 2.20
CA SER A 104 -10.31 -26.63 2.02
C SER A 104 -10.67 -27.39 3.30
N SER A 105 -10.39 -26.79 4.45
CA SER A 105 -10.75 -27.39 5.74
C SER A 105 -12.21 -27.13 6.11
N HIS A 106 -12.87 -26.29 5.32
CA HIS A 106 -14.28 -25.91 5.54
C HIS A 106 -14.57 -25.19 6.86
N PRO A 107 -14.04 -23.97 7.03
CA PRO A 107 -14.37 -23.19 8.23
C PRO A 107 -15.79 -22.66 8.10
N ASN A 108 -16.75 -23.42 8.65
CA ASN A 108 -18.18 -23.16 8.46
C ASN A 108 -18.60 -21.70 8.62
N SER A 109 -18.13 -21.06 9.68
CA SER A 109 -18.56 -19.69 10.02
C SER A 109 -17.95 -18.61 9.12
N LEU A 110 -16.95 -18.97 8.32
CA LEU A 110 -16.33 -17.99 7.41
C LEU A 110 -16.75 -18.14 5.94
N MET A 111 -17.52 -19.18 5.63
CA MET A 111 -17.84 -19.50 4.23
C MET A 111 -18.50 -18.33 3.48
N LYS A 112 -19.38 -17.60 4.18
CA LYS A 112 -20.02 -16.39 3.65
C LYS A 112 -19.00 -15.32 3.26
N LYS A 113 -18.08 -15.02 4.19
CA LYS A 113 -17.06 -14.01 3.95
C LYS A 113 -16.04 -14.45 2.89
N ILE A 114 -15.76 -15.75 2.85
CA ILE A 114 -14.88 -16.32 1.82
C ILE A 114 -15.52 -16.13 0.44
N THR A 115 -16.82 -16.42 0.35
CA THR A 115 -17.58 -16.22 -0.88
C THR A 115 -17.53 -14.75 -1.35
N LEU A 116 -17.78 -13.82 -0.42
CA LEU A 116 -17.65 -12.40 -0.73
C LEU A 116 -16.26 -12.02 -1.23
N LEU A 117 -15.24 -12.52 -0.56
CA LEU A 117 -13.86 -12.26 -1.01
C LEU A 117 -13.63 -12.76 -2.44
N LYS A 118 -14.15 -13.94 -2.77
CA LYS A 118 -14.01 -14.54 -4.11
CA LYS A 118 -13.95 -14.49 -4.12
C LYS A 118 -14.70 -13.69 -5.19
N TYR A 119 -15.83 -13.08 -4.83
CA TYR A 119 -16.52 -12.14 -5.72
C TYR A 119 -15.67 -10.89 -5.96
N PHE A 120 -15.04 -10.37 -4.91
CA PHE A 120 -14.09 -9.27 -5.04
C PHE A 120 -12.94 -9.68 -5.95
N ARG A 121 -12.40 -10.87 -5.70
CA ARG A 121 -11.31 -11.43 -6.49
C ARG A 121 -11.68 -11.53 -7.98
N ASN A 122 -12.90 -12.02 -8.25
CA ASN A 122 -13.36 -12.18 -9.62
CA ASN A 122 -13.40 -12.17 -9.62
C ASN A 122 -13.48 -10.83 -10.35
N TYR A 123 -14.04 -9.82 -9.68
CA TYR A 123 -14.17 -8.49 -10.26
C TYR A 123 -12.79 -7.89 -10.59
N MET A 124 -11.85 -8.01 -9.66
CA MET A 124 -10.52 -7.44 -9.86
C MET A 124 -9.77 -8.12 -11.02
N SER A 125 -9.91 -9.44 -11.13
CA SER A 125 -9.28 -10.19 -12.21
CA SER A 125 -9.27 -10.18 -12.21
C SER A 125 -9.88 -9.84 -13.56
N GLU A 126 -11.20 -9.68 -13.60
CA GLU A 126 -11.88 -9.37 -14.85
C GLU A 126 -11.60 -7.97 -15.39
N HIS A 127 -11.45 -6.99 -14.50
CA HIS A 127 -11.55 -5.57 -14.87
C HIS A 127 -10.33 -4.70 -14.63
N LEU A 128 -9.51 -5.06 -13.65
CA LEU A 128 -8.47 -4.13 -13.16
C LEU A 128 -7.04 -4.50 -13.55
N LEU A 129 -6.24 -3.47 -13.82
CA LEU A 129 -4.81 -3.65 -14.15
C LEU A 129 -4.02 -3.93 -12.87
N LYS A 130 -2.94 -4.67 -13.00
CA LYS A 130 -2.08 -4.98 -11.85
C LYS A 130 -0.93 -3.97 -11.80
N ALA A 131 -0.97 -3.08 -10.80
CA ALA A 131 0.10 -2.08 -10.62
C ALA A 131 1.44 -2.75 -10.28
N GLY A 132 2.50 -2.32 -10.97
CA GLY A 132 3.85 -2.83 -10.76
C GLY A 132 4.05 -4.29 -11.15
N ALA A 133 3.28 -4.76 -12.12
CA ALA A 133 3.32 -6.17 -12.51
C ALA A 133 4.69 -6.65 -12.99
N ASN A 134 5.49 -5.74 -13.56
CA ASN A 134 6.78 -6.09 -14.14
C ASN A 134 7.94 -6.04 -13.13
N ILE A 135 7.61 -5.80 -11.86
CA ILE A 135 8.62 -5.65 -10.81
C ILE A 135 8.59 -6.83 -9.83
N THR A 136 9.75 -7.41 -9.56
CA THR A 136 9.88 -8.49 -8.57
C THR A 136 10.01 -7.87 -7.17
N PRO A 137 9.05 -8.18 -6.27
CA PRO A 137 9.15 -7.66 -4.92
C PRO A 137 10.30 -8.30 -4.14
N ARG A 138 10.72 -7.63 -3.07
CA ARG A 138 11.70 -8.18 -2.15
C ARG A 138 11.10 -9.40 -1.44
N GLU A 139 11.93 -10.41 -1.22
CA GLU A 139 11.50 -11.60 -0.48
C GLU A 139 11.43 -11.30 1.01
N GLY A 140 10.34 -11.73 1.64
CA GLY A 140 10.18 -11.61 3.09
C GLY A 140 10.68 -12.86 3.79
N ASP A 141 10.63 -12.85 5.12
CA ASP A 141 10.98 -14.03 5.91
C ASP A 141 9.96 -15.14 5.67
N GLU A 142 10.45 -16.36 5.53
CA GLU A 142 9.59 -17.53 5.22
C GLU A 142 8.43 -17.73 6.20
N LEU A 143 8.67 -17.43 7.48
CA LEU A 143 7.67 -17.62 8.54
C LEU A 143 6.94 -16.34 8.93
N ALA A 144 7.13 -15.27 8.15
CA ALA A 144 6.40 -14.03 8.36
C ALA A 144 4.98 -14.12 7.79
N ARG A 145 4.00 -13.67 8.56
CA ARG A 145 2.61 -13.62 8.09
C ARG A 145 2.44 -12.49 7.07
N LEU A 146 1.37 -12.54 6.30
CA LEU A 146 1.05 -11.44 5.40
C LEU A 146 0.47 -10.26 6.19
N PRO A 147 0.78 -9.02 5.74
CA PRO A 147 0.16 -7.86 6.35
C PRO A 147 -1.28 -7.71 5.88
N TYR A 148 -2.07 -6.98 6.66
CA TYR A 148 -3.44 -6.65 6.27
C TYR A 148 -3.56 -5.15 6.06
N LEU A 149 -4.64 -4.73 5.41
CA LEU A 149 -4.95 -3.31 5.30
C LEU A 149 -5.49 -2.81 6.64
N ARG A 150 -4.76 -1.91 7.29
CA ARG A 150 -5.22 -1.37 8.56
CA ARG A 150 -5.19 -1.33 8.56
C ARG A 150 -6.34 -0.36 8.35
N THR A 151 -6.10 0.63 7.50
CA THR A 151 -7.04 1.73 7.23
CA THR A 151 -7.12 1.63 7.16
C THR A 151 -6.81 2.26 5.81
N TRP A 152 -7.74 3.06 5.33
CA TRP A 152 -7.60 3.73 4.06
C TRP A 152 -8.51 4.94 4.04
N PHE A 153 -8.20 5.91 3.18
CA PHE A 153 -9.13 6.99 2.90
C PHE A 153 -8.86 7.56 1.52
N ARG A 154 -9.82 8.33 1.02
CA ARG A 154 -9.68 8.96 -0.30
C ARG A 154 -9.82 10.47 -0.20
N THR A 155 -9.01 11.17 -0.98
CA THR A 155 -9.16 12.61 -1.17
C THR A 155 -9.62 12.83 -2.60
N ARG A 156 -9.71 14.08 -3.04
CA ARG A 156 -10.05 14.36 -4.43
C ARG A 156 -8.98 13.80 -5.38
N SER A 157 -7.74 13.76 -4.92
CA SER A 157 -6.61 13.47 -5.80
CA SER A 157 -6.60 13.47 -5.79
C SER A 157 -5.95 12.11 -5.59
N ALA A 158 -6.21 11.46 -4.44
CA ALA A 158 -5.52 10.21 -4.13
C ALA A 158 -6.30 9.26 -3.24
N ILE A 159 -5.89 7.99 -3.27
CA ILE A 159 -6.25 7.02 -2.23
C ILE A 159 -5.01 6.74 -1.37
N ILE A 160 -5.22 6.67 -0.07
CA ILE A 160 -4.17 6.45 0.91
C ILE A 160 -4.43 5.11 1.56
N LEU A 161 -3.44 4.22 1.53
CA LEU A 161 -3.57 2.87 2.02
C LEU A 161 -2.49 2.57 3.05
N HIS A 162 -2.91 2.10 4.22
CA HIS A 162 -1.99 1.85 5.33
C HIS A 162 -2.00 0.38 5.66
N LEU A 163 -0.88 -0.29 5.42
CA LEU A 163 -0.72 -1.71 5.69
C LEU A 163 -0.18 -1.96 7.09
N SER A 164 -0.47 -3.15 7.62
CA SER A 164 -0.09 -3.50 9.00
C SER A 164 1.41 -3.70 9.23
N ASN A 165 2.20 -3.75 8.15
CA ASN A 165 3.66 -3.77 8.27
C ASN A 165 4.27 -2.37 8.35
N GLY A 166 3.42 -1.35 8.38
CA GLY A 166 3.88 0.04 8.50
C GLY A 166 3.94 0.79 7.17
N SER A 167 3.85 0.08 6.05
CA SER A 167 3.90 0.74 4.74
C SER A 167 2.70 1.63 4.52
N VAL A 168 2.95 2.79 3.90
CA VAL A 168 1.89 3.67 3.47
C VAL A 168 1.99 3.84 1.98
N GLN A 169 0.88 3.59 1.27
CA GLN A 169 0.84 3.74 -0.17
C GLN A 169 -0.15 4.83 -0.56
N ILE A 170 0.26 5.65 -1.53
CA ILE A 170 -0.58 6.73 -2.02
C ILE A 170 -0.63 6.62 -3.54
N ASN A 171 -1.82 6.36 -4.09
CA ASN A 171 -2.03 6.32 -5.53
C ASN A 171 -2.72 7.62 -5.99
N PHE A 172 -2.10 8.33 -6.93
CA PHE A 172 -2.70 9.56 -7.49
C PHE A 172 -3.57 9.23 -8.70
N PHE A 173 -4.81 9.72 -8.68
CA PHE A 173 -5.82 9.35 -9.68
C PHE A 173 -5.53 9.87 -11.09
N GLN A 174 -5.13 11.13 -11.19
CA GLN A 174 -5.10 11.82 -12.49
C GLN A 174 -4.02 11.34 -13.45
N ASP A 175 -2.88 10.90 -12.92
CA ASP A 175 -1.75 10.52 -13.76
C ASP A 175 -1.20 9.12 -13.48
N HIS A 176 -1.87 8.40 -12.55
CA HIS A 176 -1.51 7.02 -12.19
C HIS A 176 -0.17 6.89 -11.47
N THR A 177 0.39 8.01 -10.99
CA THR A 177 1.62 7.94 -10.21
C THR A 177 1.35 7.45 -8.78
N LYS A 178 2.31 6.74 -8.20
CA LYS A 178 2.12 6.11 -6.90
C LYS A 178 3.38 6.20 -6.07
N LEU A 179 3.17 6.35 -4.76
CA LEU A 179 4.27 6.28 -3.79
C LEU A 179 4.01 5.11 -2.85
N ILE A 180 5.06 4.36 -2.56
CA ILE A 180 5.05 3.33 -1.52
C ILE A 180 6.13 3.70 -0.50
N LEU A 181 5.70 4.05 0.70
CA LEU A 181 6.60 4.53 1.75
C LEU A 181 6.78 3.46 2.80
N CYS A 182 8.03 3.13 3.12
CA CYS A 182 8.31 2.18 4.20
C CYS A 182 9.14 2.82 5.31
N PRO A 183 8.59 2.84 6.54
CA PRO A 183 9.26 3.50 7.66
C PRO A 183 10.39 2.66 8.27
N LEU A 184 10.42 1.37 7.96
CA LEU A 184 11.46 0.46 8.48
C LEU A 184 12.75 0.62 7.67
N MET A 185 12.59 0.78 6.37
CA MET A 185 13.71 1.04 5.46
C MET A 185 13.98 2.53 5.33
N ALA A 186 13.03 3.36 5.77
CA ALA A 186 13.06 4.81 5.52
C ALA A 186 13.28 5.05 4.03
N ALA A 187 12.40 4.44 3.23
CA ALA A 187 12.53 4.44 1.78
C ALA A 187 11.22 4.82 1.12
N VAL A 188 11.32 5.32 -0.11
CA VAL A 188 10.14 5.59 -0.93
C VAL A 188 10.33 4.97 -2.31
N THR A 189 9.29 4.28 -2.77
CA THR A 189 9.22 3.83 -4.15
C THR A 189 8.29 4.76 -4.91
N TYR A 190 8.75 5.24 -6.05
CA TYR A 190 7.96 6.10 -6.91
C TYR A 190 7.71 5.37 -8.22
N ILE A 191 6.43 5.19 -8.55
CA ILE A 191 6.04 4.68 -9.86
C ILE A 191 5.53 5.88 -10.66
N ASP A 192 6.24 6.22 -11.73
CA ASP A 192 5.94 7.46 -12.48
C ASP A 192 4.90 7.26 -13.59
N GLU A 193 4.65 8.31 -14.36
CA GLU A 193 3.61 8.31 -15.40
C GLU A 193 3.85 7.30 -16.52
N LYS A 194 5.10 6.90 -16.69
CA LYS A 194 5.49 5.91 -17.71
C LYS A 194 5.66 4.52 -17.10
N ARG A 195 5.18 4.35 -15.88
CA ARG A 195 5.25 3.08 -15.14
C ARG A 195 6.65 2.68 -14.70
N ASP A 196 7.57 3.63 -14.67
CA ASP A 196 8.93 3.35 -14.20
C ASP A 196 8.96 3.31 -12.67
N PHE A 197 9.57 2.26 -12.13
CA PHE A 197 9.51 1.89 -10.71
C PHE A 197 10.93 2.09 -10.14
N ARG A 198 11.08 3.06 -9.24
CA ARG A 198 12.39 3.38 -8.66
C ARG A 198 12.25 3.50 -7.14
N THR A 199 13.20 2.90 -6.42
CA THR A 199 13.19 2.94 -4.95
C THR A 199 14.37 3.77 -4.43
N TYR A 200 14.08 4.68 -3.50
CA TYR A 200 15.07 5.62 -2.98
C TYR A 200 15.15 5.58 -1.47
N ARG A 201 16.34 5.78 -0.92
CA ARG A 201 16.45 6.05 0.52
C ARG A 201 16.12 7.51 0.76
N LEU A 202 15.22 7.77 1.71
CA LEU A 202 14.81 9.14 2.02
C LEU A 202 15.98 10.05 2.45
N SER A 203 16.89 9.51 3.26
CA SER A 203 18.07 10.27 3.70
C SER A 203 18.97 10.67 2.53
N LEU A 204 19.00 9.84 1.49
CA LEU A 204 19.82 10.13 0.32
C LEU A 204 19.16 11.14 -0.61
N LEU A 205 17.82 11.13 -0.65
CA LEU A 205 17.07 12.18 -1.34
C LEU A 205 17.33 13.54 -0.69
N GLU A 206 17.39 13.54 0.64
CA GLU A 206 17.80 14.73 1.40
C GLU A 206 19.16 15.26 0.96
N GLU A 207 20.13 14.36 0.81
CA GLU A 207 21.49 14.76 0.48
C GLU A 207 21.68 15.13 -0.99
N TYR A 208 21.15 14.31 -1.89
CA TYR A 208 21.42 14.46 -3.33
C TYR A 208 20.37 15.25 -4.10
N GLY A 209 19.18 15.38 -3.53
CA GLY A 209 18.08 16.11 -4.16
C GLY A 209 17.24 15.23 -5.07
N CYS A 210 16.16 15.81 -5.60
CA CYS A 210 15.27 15.08 -6.52
C CYS A 210 14.49 16.05 -7.40
N CYS A 211 13.77 15.52 -8.37
CA CYS A 211 12.98 16.34 -9.29
C CYS A 211 11.77 16.99 -8.60
N LYS A 212 11.22 18.02 -9.23
CA LYS A 212 10.05 18.73 -8.72
C LYS A 212 8.83 17.81 -8.57
N GLU A 213 8.69 16.85 -9.48
CA GLU A 213 7.54 15.94 -9.45
C GLU A 213 7.52 15.05 -8.21
N LEU A 214 8.67 14.46 -7.89
CA LEU A 214 8.79 13.64 -6.69
C LEU A 214 8.67 14.49 -5.41
N ALA A 215 9.33 15.65 -5.40
CA ALA A 215 9.29 16.54 -4.25
C ALA A 215 7.88 16.99 -3.91
N SER A 216 7.09 17.32 -4.93
CA SER A 216 5.70 17.74 -4.73
CA SER A 216 5.71 17.75 -4.70
C SER A 216 4.88 16.63 -4.10
N ARG A 217 5.08 15.40 -4.60
CA ARG A 217 4.32 14.25 -4.12
C ARG A 217 4.70 13.86 -2.68
N LEU A 218 5.98 14.07 -2.33
CA LEU A 218 6.44 13.83 -0.95
C LEU A 218 5.89 14.86 0.03
N ARG A 219 5.72 16.10 -0.41
CA ARG A 219 5.02 17.12 0.38
C ARG A 219 3.57 16.71 0.68
N TYR A 220 2.87 16.22 -0.35
CA TYR A 220 1.49 15.75 -0.18
C TYR A 220 1.45 14.53 0.75
N ALA A 221 2.44 13.65 0.61
CA ALA A 221 2.55 12.45 1.43
C ALA A 221 2.62 12.81 2.93
N ARG A 222 3.37 13.85 3.26
CA ARG A 222 3.50 14.26 4.66
C ARG A 222 2.14 14.69 5.21
N THR A 223 1.38 15.43 4.42
CA THR A 223 0.04 15.87 4.82
C THR A 223 -0.85 14.65 5.10
N MET A 224 -0.73 13.63 4.23
CA MET A 224 -1.52 12.40 4.38
C MET A 224 -1.12 11.57 5.59
N VAL A 225 0.18 11.48 5.87
CA VAL A 225 0.69 10.75 7.02
C VAL A 225 0.26 11.46 8.33
N ASP A 226 0.27 12.79 8.31
CA ASP A 226 -0.26 13.60 9.42
C ASP A 226 -1.70 13.22 9.73
N LYS A 227 -2.51 13.11 8.68
CA LYS A 227 -3.93 12.71 8.82
C LYS A 227 -4.08 11.31 9.42
N LEU A 228 -3.26 10.36 8.95
CA LEU A 228 -3.28 8.99 9.48
C LEU A 228 -2.92 8.98 10.95
N LEU A 229 -1.90 9.77 11.30
CA LEU A 229 -1.46 9.89 12.68
C LEU A 229 -2.51 10.51 13.58
N SER A 230 -3.14 11.58 13.11
CA SER A 230 -4.15 12.29 13.91
C SER A 230 -5.47 11.51 14.04
N SER A 231 -5.78 10.65 13.08
CA SER A 231 -7.05 9.91 13.11
C SER A 231 -6.97 8.63 13.96
N ARG A 232 -5.86 8.43 14.65
CA ARG A 232 -5.70 7.33 15.59
C ARG A 232 -6.24 7.72 16.96
N PRO B 4 -14.70 10.85 -5.56
CA PRO B 4 -13.55 10.11 -6.09
C PRO B 4 -13.96 8.75 -6.65
N PRO B 5 -13.03 8.06 -7.36
CA PRO B 5 -13.31 6.76 -7.98
C PRO B 5 -13.55 5.64 -6.98
N LEU B 6 -14.30 4.62 -7.41
CA LEU B 6 -14.63 3.46 -6.58
C LEU B 6 -13.73 2.25 -6.83
N HIS B 7 -12.76 2.39 -7.72
CA HIS B 7 -11.83 1.30 -8.02
C HIS B 7 -10.51 1.79 -8.59
N SER B 8 -9.48 0.95 -8.48
CA SER B 8 -8.19 1.22 -9.08
C SER B 8 -8.29 1.20 -10.61
N ALA B 10 -8.73 0.60 -14.24
CA ALA B 10 -9.31 -0.45 -15.08
C ALA B 10 -8.81 -0.33 -16.52
#